data_9DPF
#
_entry.id   9DPF
#
_cell.length_a   73.034
_cell.length_b   76.640
_cell.length_c   88.374
_cell.angle_alpha   90.00
_cell.angle_beta   90.00
_cell.angle_gamma   90.00
#
_symmetry.space_group_name_H-M   'P 21 21 21'
#
loop_
_entity.id
_entity.type
_entity.pdbx_description
1 polymer 'Transmembrane protease serine 11D'
2 polymer 'Transmembrane protease serine 11D non-catalytic chain'
3 non-polymer 1,2-ETHANEDIOL
4 water water
#
loop_
_entity_poly.entity_id
_entity_poly.type
_entity_poly.pdbx_seq_one_letter_code
_entity_poly.pdbx_strand_id
1 'polypeptide(L)'
;ILGGTEAEEGSWPWQVSLRLNNAHHCGGSLINNMWILTAAHCFRSNSNPRDWIATSGISTTFPKLRMRVRNILIHNNYKS
ATHENDIALVRLENSVTFTKDIHSVCLPAATQNIPPGSTAYVTGWGAQEYAGHTVPELRQGQVRIISNDVCNAPHSYNGA
ILSGMLCAGVPQGGVDACQGDAGGPLVQEDSRRLWFIVGIVSWGDQCGLPDKPGVYTRVTAYLDWIRQQTGI
;
A,C
2 'polypeptide(L)' LINECGAGPDLITLSEQR B,D
#
loop_
_chem_comp.id
_chem_comp.type
_chem_comp.name
_chem_comp.formula
EDO non-polymer 1,2-ETHANEDIOL 'C2 H6 O2'
#
# COMPACT_ATOMS: atom_id res chain seq x y z
N ILE A 1 -3.50 -20.35 -1.56
CA ILE A 1 -3.83 -20.47 -3.01
C ILE A 1 -2.61 -21.04 -3.77
N LEU A 2 -2.84 -22.14 -4.51
CA LEU A 2 -1.89 -22.69 -5.45
C LEU A 2 -2.19 -22.13 -6.82
N GLY A 3 -1.14 -21.78 -7.57
CA GLY A 3 -1.23 -21.48 -8.99
C GLY A 3 -1.97 -20.17 -9.27
N GLY A 4 -1.91 -19.24 -8.32
CA GLY A 4 -2.63 -17.99 -8.47
C GLY A 4 -1.66 -16.82 -8.42
N THR A 5 -2.22 -15.62 -8.33
CA THR A 5 -1.42 -14.41 -8.29
C THR A 5 -1.83 -13.53 -7.12
N GLU A 6 -0.99 -12.52 -6.90
CA GLU A 6 -1.21 -11.57 -5.84
C GLU A 6 -2.40 -10.70 -6.21
N ALA A 7 -3.36 -10.56 -5.30
CA ALA A 7 -4.49 -9.71 -5.62
C ALA A 7 -4.06 -8.26 -5.45
N GLU A 8 -4.65 -7.37 -6.26
CA GLU A 8 -4.53 -5.93 -6.08
C GLU A 8 -5.57 -5.42 -5.09
N GLU A 9 -5.17 -4.36 -4.36
CA GLU A 9 -6.03 -3.58 -3.48
C GLU A 9 -7.37 -3.25 -4.16
N GLY A 10 -8.48 -3.54 -3.48
CA GLY A 10 -9.80 -3.20 -3.97
C GLY A 10 -10.42 -4.24 -4.90
N SER A 11 -9.66 -5.22 -5.42
CA SER A 11 -10.22 -6.28 -6.25
C SER A 11 -11.30 -7.09 -5.53
N TRP A 12 -11.08 -7.36 -4.25
CA TRP A 12 -11.91 -8.28 -3.48
C TRP A 12 -12.32 -7.60 -2.19
N PRO A 13 -13.25 -6.64 -2.21
CA PRO A 13 -13.51 -5.81 -1.04
C PRO A 13 -14.18 -6.48 0.14
N TRP A 14 -14.69 -7.70 -0.04
CA TRP A 14 -15.40 -8.42 1.01
C TRP A 14 -14.46 -9.38 1.77
N GLN A 15 -13.29 -9.67 1.19
CA GLN A 15 -12.34 -10.60 1.78
C GLN A 15 -11.79 -10.09 3.11
N VAL A 16 -11.78 -10.94 4.13
CA VAL A 16 -11.17 -10.60 5.40
C VAL A 16 -10.32 -11.78 5.84
N SER A 17 -9.32 -11.44 6.66
CA SER A 17 -8.49 -12.37 7.40
C SER A 17 -9.09 -12.51 8.78
N LEU A 18 -9.18 -13.75 9.28
CA LEU A 18 -9.56 -14.00 10.66
C LEU A 18 -8.31 -14.47 11.41
N ARG A 19 -7.94 -13.70 12.44
CA ARG A 19 -6.73 -13.94 13.20
C ARG A 19 -7.06 -14.55 14.57
N LEU A 20 -6.45 -15.69 14.86
CA LEU A 20 -6.54 -16.33 16.16
C LEU A 20 -5.19 -16.16 16.88
N ASN A 21 -5.26 -15.60 18.09
CA ASN A 21 -4.09 -15.33 18.90
C ASN A 21 -3.03 -14.70 17.99
N ASN A 22 -3.43 -13.61 17.33
CA ASN A 22 -2.56 -12.76 16.52
C ASN A 22 -1.82 -13.55 15.44
N ALA A 23 -2.49 -14.51 14.80
CA ALA A 23 -1.93 -15.13 13.60
C ALA A 23 -3.07 -15.43 12.65
N HIS A 24 -2.86 -15.18 11.34
CA HIS A 24 -3.84 -15.51 10.31
C HIS A 24 -4.22 -16.98 10.44
N HIS A 25 -5.52 -17.34 10.55
CA HIS A 25 -5.93 -18.75 10.65
CA HIS A 25 -5.92 -18.75 10.62
C HIS A 25 -6.90 -19.11 9.51
N CYS A 26 -7.84 -18.21 9.18
N CYS A 26 -7.70 -18.16 9.04
CA CYS A 26 -8.90 -18.48 8.21
CA CYS A 26 -8.61 -18.47 7.96
C CYS A 26 -9.25 -17.20 7.43
C CYS A 26 -9.16 -17.18 7.35
N GLY A 27 -9.95 -17.40 6.29
CA GLY A 27 -10.53 -16.33 5.50
C GLY A 27 -12.01 -16.16 5.84
N GLY A 28 -12.59 -15.08 5.31
CA GLY A 28 -14.02 -14.87 5.40
C GLY A 28 -14.44 -13.80 4.42
N SER A 29 -15.76 -13.56 4.35
CA SER A 29 -16.40 -12.60 3.47
C SER A 29 -17.43 -11.76 4.22
N LEU A 30 -17.32 -10.42 4.08
CA LEU A 30 -18.36 -9.52 4.56
C LEU A 30 -19.63 -9.77 3.76
N ILE A 31 -20.73 -10.00 4.45
CA ILE A 31 -21.99 -10.10 3.73
C ILE A 31 -22.94 -8.96 4.11
N ASN A 32 -22.60 -8.19 5.15
CA ASN A 32 -23.13 -6.86 5.40
C ASN A 32 -22.17 -6.18 6.36
N ASN A 33 -22.59 -5.02 6.91
CA ASN A 33 -21.69 -4.16 7.66
C ASN A 33 -21.44 -4.69 9.08
N MET A 34 -22.07 -5.82 9.45
CA MET A 34 -21.90 -6.39 10.78
C MET A 34 -21.38 -7.84 10.75
N TRP A 35 -21.54 -8.55 9.62
CA TRP A 35 -21.46 -9.99 9.53
C TRP A 35 -20.46 -10.47 8.49
N ILE A 36 -19.73 -11.51 8.89
CA ILE A 36 -18.75 -12.25 8.09
C ILE A 36 -19.16 -13.71 8.00
N LEU A 37 -19.14 -14.22 6.77
CA LEU A 37 -19.49 -15.59 6.49
C LEU A 37 -18.19 -16.36 6.31
N THR A 38 -18.06 -17.54 6.96
CA THR A 38 -16.84 -18.32 6.96
C THR A 38 -17.13 -19.81 7.20
N ALA A 39 -16.08 -20.58 7.50
CA ALA A 39 -16.22 -22.01 7.76
C ALA A 39 -16.23 -22.33 9.25
N ALA A 40 -17.07 -23.31 9.63
CA ALA A 40 -17.18 -23.79 11.00
C ALA A 40 -15.86 -24.36 11.52
N HIS A 41 -15.14 -25.14 10.72
CA HIS A 41 -14.01 -25.87 11.30
C HIS A 41 -12.89 -24.89 11.72
N CYS A 42 -13.01 -23.63 11.38
CA CYS A 42 -12.04 -22.61 11.76
C CYS A 42 -12.00 -22.45 13.28
N PHE A 43 -13.12 -22.75 13.93
CA PHE A 43 -13.30 -22.52 15.35
C PHE A 43 -13.35 -23.84 16.14
N ARG A 44 -12.79 -24.91 15.58
CA ARG A 44 -12.81 -26.20 16.24
C ARG A 44 -12.03 -26.21 17.55
N SER A 45 -10.93 -25.43 17.67
CA SER A 45 -10.16 -25.45 18.90
CA SER A 45 -10.14 -25.43 18.88
C SER A 45 -10.48 -24.22 19.75
N ASN A 46 -10.75 -23.08 19.14
CA ASN A 46 -11.05 -21.87 19.89
C ASN A 46 -12.24 -21.15 19.28
N SER A 47 -13.30 -20.94 20.08
CA SER A 47 -14.44 -20.18 19.59
C SER A 47 -14.73 -19.01 20.54
N ASN A 48 -13.67 -18.46 21.14
CA ASN A 48 -13.82 -17.37 22.08
C ASN A 48 -13.70 -16.06 21.32
N PRO A 49 -14.79 -15.27 21.22
CA PRO A 49 -14.77 -14.05 20.41
C PRO A 49 -13.60 -13.16 20.80
N ARG A 50 -13.23 -13.17 22.09
CA ARG A 50 -12.23 -12.22 22.53
C ARG A 50 -10.85 -12.53 21.92
N ASP A 51 -10.68 -13.73 21.39
CA ASP A 51 -9.38 -14.17 20.92
C ASP A 51 -9.26 -14.00 19.40
N TRP A 52 -10.31 -13.51 18.75
CA TRP A 52 -10.34 -13.41 17.30
C TRP A 52 -10.39 -11.94 16.91
N ILE A 53 -9.65 -11.61 15.84
CA ILE A 53 -9.65 -10.31 15.20
C ILE A 53 -9.78 -10.52 13.69
N ALA A 54 -10.64 -9.71 13.06
CA ALA A 54 -10.76 -9.69 11.61
C ALA A 54 -9.98 -8.51 11.07
N THR A 55 -9.38 -8.69 9.87
CA THR A 55 -8.74 -7.58 9.22
C THR A 55 -9.14 -7.52 7.75
N SER A 56 -9.18 -6.28 7.25
CA SER A 56 -9.33 -6.02 5.81
C SER A 56 -8.07 -5.36 5.24
N GLY A 57 -7.82 -5.65 3.98
CA GLY A 57 -6.65 -5.19 3.27
C GLY A 57 -6.00 -6.37 2.60
N ILE A 58 -5.18 -6.17 1.56
CA ILE A 58 -4.51 -7.28 0.90
C ILE A 58 -3.41 -7.84 1.80
N SER A 59 -2.98 -7.11 2.84
CA SER A 59 -1.86 -7.53 3.67
C SER A 59 -2.31 -7.91 5.08
N THR A 60 -1.88 -9.09 5.56
CA THR A 60 -2.12 -9.48 6.95
C THR A 60 -1.04 -8.88 7.89
N THR A 61 0.13 -8.54 7.37
CA THR A 61 1.11 -7.88 8.21
C THR A 61 0.75 -6.40 8.36
N PHE A 62 0.36 -5.74 7.26
CA PHE A 62 -0.02 -4.33 7.30
C PHE A 62 -1.48 -4.15 6.89
N PRO A 63 -2.45 -4.61 7.71
CA PRO A 63 -3.86 -4.46 7.35
C PRO A 63 -4.32 -3.00 7.23
N LYS A 64 -5.39 -2.76 6.47
CA LYS A 64 -6.03 -1.46 6.40
C LYS A 64 -6.97 -1.24 7.59
N LEU A 65 -7.56 -2.29 8.11
CA LEU A 65 -8.51 -2.17 9.21
C LEU A 65 -8.47 -3.44 10.06
N ARG A 66 -8.59 -3.24 11.37
CA ARG A 66 -8.66 -4.30 12.37
C ARG A 66 -10.00 -4.14 13.05
N MET A 67 -10.69 -5.26 13.28
CA MET A 67 -12.05 -5.23 13.77
C MET A 67 -12.18 -6.33 14.83
N ARG A 68 -12.74 -5.96 15.96
CA ARG A 68 -13.00 -6.92 17.00
C ARG A 68 -14.29 -7.67 16.67
N VAL A 69 -14.34 -8.88 17.23
CA VAL A 69 -15.39 -9.84 17.00
C VAL A 69 -16.22 -9.90 18.27
N ARG A 70 -17.54 -10.10 18.14
CA ARG A 70 -18.41 -10.17 19.29
C ARG A 70 -19.06 -11.54 19.43
N ASN A 71 -19.57 -12.10 18.33
CA ASN A 71 -20.27 -13.38 18.33
C ASN A 71 -19.71 -14.31 17.25
N ILE A 72 -19.69 -15.64 17.54
CA ILE A 72 -19.35 -16.69 16.58
C ILE A 72 -20.48 -17.71 16.57
N LEU A 73 -21.11 -17.92 15.43
CA LEU A 73 -22.21 -18.84 15.31
C LEU A 73 -21.82 -19.98 14.37
N ILE A 74 -21.83 -21.20 14.90
CA ILE A 74 -21.58 -22.40 14.11
C ILE A 74 -22.91 -23.04 13.73
N HIS A 75 -23.01 -23.50 12.49
CA HIS A 75 -24.22 -24.17 12.06
C HIS A 75 -24.61 -25.22 13.10
N ASN A 76 -25.92 -25.30 13.40
CA ASN A 76 -26.45 -26.24 14.39
C ASN A 76 -26.03 -27.69 14.09
N ASN A 77 -25.92 -28.05 12.81
CA ASN A 77 -25.69 -29.43 12.41
C ASN A 77 -24.33 -29.62 11.76
N TYR A 78 -23.35 -28.82 12.15
CA TYR A 78 -22.01 -29.02 11.64
C TYR A 78 -21.51 -30.36 12.13
N LYS A 79 -21.01 -31.21 11.22
CA LYS A 79 -20.43 -32.48 11.59
C LYS A 79 -19.01 -32.61 11.05
N SER A 80 -18.01 -32.51 11.92
CA SER A 80 -16.62 -32.53 11.48
C SER A 80 -16.24 -33.86 10.83
N ALA A 81 -16.78 -34.97 11.34
CA ALA A 81 -16.44 -36.28 10.81
C ALA A 81 -16.69 -36.38 9.30
N THR A 82 -17.71 -35.69 8.76
CA THR A 82 -17.98 -35.81 7.32
C THR A 82 -17.90 -34.47 6.58
N HIS A 83 -17.42 -33.44 7.28
CA HIS A 83 -17.32 -32.08 6.76
C HIS A 83 -18.69 -31.49 6.39
N GLU A 84 -19.79 -32.03 6.92
CA GLU A 84 -21.10 -31.55 6.53
C GLU A 84 -21.44 -30.26 7.26
N ASN A 85 -22.17 -29.36 6.57
CA ASN A 85 -22.61 -28.06 7.07
C ASN A 85 -21.43 -27.32 7.68
N ASP A 86 -20.30 -27.26 6.98
CA ASP A 86 -19.11 -26.54 7.45
C ASP A 86 -19.29 -25.05 7.14
N ILE A 87 -19.97 -24.33 8.02
CA ILE A 87 -20.34 -22.96 7.78
C ILE A 87 -20.56 -22.27 9.11
N ALA A 88 -20.19 -20.98 9.14
CA ALA A 88 -20.24 -20.22 10.37
C ALA A 88 -20.50 -18.75 10.02
N LEU A 89 -20.93 -17.98 11.01
CA LEU A 89 -21.13 -16.55 10.90
C LEU A 89 -20.39 -15.91 12.04
N VAL A 90 -19.76 -14.81 11.73
CA VAL A 90 -19.09 -13.99 12.72
C VAL A 90 -19.70 -12.59 12.72
N ARG A 91 -20.16 -12.13 13.89
CA ARG A 91 -20.65 -10.78 14.03
C ARG A 91 -19.60 -9.90 14.73
N LEU A 92 -19.41 -8.73 14.14
CA LEU A 92 -18.40 -7.80 14.60
C LEU A 92 -18.89 -7.00 15.78
N GLU A 93 -17.92 -6.53 16.55
CA GLU A 93 -18.17 -5.70 17.71
C GLU A 93 -18.77 -4.35 17.29
N ASN A 94 -18.25 -3.74 16.21
CA ASN A 94 -18.74 -2.46 15.70
C ASN A 94 -18.94 -2.57 14.19
N SER A 95 -19.90 -1.81 13.64
CA SER A 95 -20.17 -1.82 12.21
CA SER A 95 -20.17 -1.86 12.22
C SER A 95 -18.94 -1.38 11.45
N VAL A 96 -18.78 -1.88 10.23
CA VAL A 96 -17.67 -1.52 9.35
C VAL A 96 -18.18 -0.39 8.47
N THR A 97 -17.34 0.62 8.24
CA THR A 97 -17.68 1.68 7.29
C THR A 97 -17.32 1.19 5.90
N PHE A 98 -18.35 1.09 5.04
CA PHE A 98 -18.21 0.57 3.69
C PHE A 98 -17.66 1.64 2.76
N THR A 99 -16.70 1.24 1.94
CA THR A 99 -16.01 2.11 1.00
C THR A 99 -15.84 1.32 -0.28
N LYS A 100 -15.26 1.93 -1.31
CA LYS A 100 -14.97 1.22 -2.54
C LYS A 100 -14.12 -0.03 -2.25
N ASP A 101 -13.17 0.06 -1.30
CA ASP A 101 -12.21 -0.99 -0.97
C ASP A 101 -12.73 -2.02 0.03
N ILE A 102 -13.74 -1.69 0.84
CA ILE A 102 -14.27 -2.57 1.86
C ILE A 102 -15.79 -2.53 1.81
N HIS A 103 -16.39 -3.64 1.36
CA HIS A 103 -17.83 -3.77 1.37
C HIS A 103 -18.21 -5.23 1.12
N SER A 104 -19.54 -5.49 1.05
CA SER A 104 -20.10 -6.82 1.04
C SER A 104 -20.16 -7.44 -0.36
N VAL A 105 -20.04 -8.79 -0.38
CA VAL A 105 -20.35 -9.61 -1.53
C VAL A 105 -21.85 -9.93 -1.49
N CYS A 106 -22.44 -10.29 -2.65
CA CYS A 106 -23.83 -10.73 -2.73
C CYS A 106 -23.93 -12.22 -2.39
N LEU A 107 -25.01 -12.60 -1.70
CA LEU A 107 -25.38 -13.98 -1.56
C LEU A 107 -26.01 -14.42 -2.87
N PRO A 108 -25.89 -15.70 -3.27
CA PRO A 108 -26.52 -16.15 -4.51
C PRO A 108 -28.02 -16.31 -4.30
N ALA A 109 -28.76 -16.41 -5.41
CA ALA A 109 -30.18 -16.68 -5.34
C ALA A 109 -30.37 -18.18 -5.16
N ALA A 110 -31.50 -18.55 -4.56
CA ALA A 110 -31.83 -19.94 -4.32
C ALA A 110 -31.81 -20.70 -5.64
N THR A 111 -32.03 -20.01 -6.77
CA THR A 111 -32.11 -20.62 -8.08
C THR A 111 -30.87 -20.30 -8.92
N GLN A 112 -29.83 -19.76 -8.30
CA GLN A 112 -28.62 -19.42 -9.02
C GLN A 112 -28.18 -20.59 -9.88
N ASN A 113 -27.82 -20.31 -11.13
CA ASN A 113 -27.32 -21.35 -12.02
C ASN A 113 -25.78 -21.32 -12.00
N ILE A 114 -25.20 -22.47 -11.66
CA ILE A 114 -23.77 -22.60 -11.57
C ILE A 114 -23.38 -23.82 -12.38
N PRO A 115 -23.17 -23.64 -13.69
CA PRO A 115 -22.83 -24.77 -14.54
C PRO A 115 -21.41 -25.31 -14.35
N PRO A 116 -21.20 -26.62 -14.55
CA PRO A 116 -19.84 -27.15 -14.63
C PRO A 116 -19.03 -26.47 -15.74
N GLY A 117 -17.76 -26.18 -15.43
CA GLY A 117 -16.86 -25.58 -16.40
C GLY A 117 -16.95 -24.06 -16.31
N SER A 118 -17.93 -23.55 -15.53
CA SER A 118 -18.07 -22.12 -15.37
C SER A 118 -16.91 -21.64 -14.50
N THR A 119 -16.50 -20.41 -14.74
CA THR A 119 -15.30 -19.83 -14.16
C THR A 119 -15.66 -19.29 -12.77
N ALA A 120 -14.69 -19.29 -11.87
CA ALA A 120 -14.87 -18.69 -10.56
C ALA A 120 -13.49 -18.37 -10.00
N TYR A 121 -13.45 -17.46 -9.03
CA TYR A 121 -12.22 -17.03 -8.38
C TYR A 121 -12.27 -17.41 -6.92
N VAL A 122 -11.17 -17.94 -6.42
CA VAL A 122 -11.00 -18.23 -5.02
C VAL A 122 -9.85 -17.38 -4.52
N THR A 123 -10.03 -16.84 -3.31
CA THR A 123 -9.09 -15.89 -2.74
C THR A 123 -8.66 -16.26 -1.32
N GLY A 124 -7.40 -15.93 -0.94
CA GLY A 124 -6.96 -16.13 0.42
C GLY A 124 -5.45 -15.98 0.63
N TRP A 125 -5.03 -16.13 1.89
CA TRP A 125 -3.64 -16.06 2.32
C TRP A 125 -3.09 -17.46 2.62
N GLY A 126 -3.73 -18.50 2.07
CA GLY A 126 -3.31 -19.87 2.33
C GLY A 126 -1.97 -20.20 1.66
N ALA A 127 -1.54 -21.44 1.87
CA ALA A 127 -0.21 -21.84 1.45
C ALA A 127 -0.16 -21.98 -0.07
N GLN A 128 1.04 -21.79 -0.64
CA GLN A 128 1.21 -21.78 -2.09
C GLN A 128 1.56 -23.18 -2.63
N GLU A 129 1.74 -24.14 -1.73
CA GLU A 129 1.87 -25.55 -2.09
C GLU A 129 1.44 -26.36 -0.86
N TYR A 130 1.03 -27.63 -1.06
CA TYR A 130 0.73 -28.46 0.08
C TYR A 130 1.87 -28.43 1.11
N ALA A 131 1.53 -28.22 2.39
CA ALA A 131 2.46 -28.30 3.50
C ALA A 131 3.28 -27.02 3.68
N GLY A 132 3.02 -26.00 2.87
CA GLY A 132 3.73 -24.73 2.97
C GLY A 132 3.17 -23.86 4.08
N HIS A 133 3.71 -22.64 4.19
CA HIS A 133 3.26 -21.68 5.18
CA HIS A 133 3.27 -21.66 5.18
C HIS A 133 2.29 -20.69 4.52
N THR A 134 1.51 -19.99 5.36
CA THR A 134 0.61 -18.94 4.89
C THR A 134 1.44 -17.77 4.43
N VAL A 135 0.85 -16.92 3.58
CA VAL A 135 1.53 -15.75 3.06
C VAL A 135 0.88 -14.48 3.60
N PRO A 136 1.68 -13.40 3.75
CA PRO A 136 1.14 -12.12 4.17
C PRO A 136 0.35 -11.35 3.10
N GLU A 137 0.46 -11.71 1.81
CA GLU A 137 -0.16 -10.93 0.75
C GLU A 137 -1.27 -11.75 0.07
N LEU A 138 -2.46 -11.15 -0.12
CA LEU A 138 -3.64 -11.88 -0.58
C LEU A 138 -3.39 -12.39 -2.00
N ARG A 139 -3.79 -13.65 -2.24
CA ARG A 139 -3.68 -14.21 -3.57
C ARG A 139 -5.07 -14.58 -4.08
N GLN A 140 -5.14 -14.71 -5.41
CA GLN A 140 -6.34 -15.12 -6.11
C GLN A 140 -5.95 -16.20 -7.11
N GLY A 141 -6.91 -17.06 -7.41
CA GLY A 141 -6.69 -18.05 -8.42
C GLY A 141 -8.00 -18.34 -9.11
N GLN A 142 -7.91 -18.67 -10.41
CA GLN A 142 -9.07 -18.86 -11.27
C GLN A 142 -9.28 -20.35 -11.45
N VAL A 143 -10.51 -20.83 -11.26
CA VAL A 143 -10.80 -22.26 -11.31
C VAL A 143 -12.16 -22.47 -12.00
N ARG A 144 -12.50 -23.74 -12.25
CA ARG A 144 -13.76 -24.07 -12.90
C ARG A 144 -14.56 -25.01 -11.99
N ILE A 145 -15.86 -24.78 -11.96
CA ILE A 145 -16.76 -25.66 -11.25
C ILE A 145 -16.66 -27.04 -11.89
N ILE A 146 -16.51 -28.07 -11.03
CA ILE A 146 -16.57 -29.47 -11.39
C ILE A 146 -17.82 -30.06 -10.75
N SER A 147 -18.60 -30.76 -11.57
CA SER A 147 -19.84 -31.39 -11.14
C SER A 147 -19.61 -32.26 -9.89
N ASN A 148 -20.60 -32.25 -8.97
CA ASN A 148 -20.53 -33.12 -7.80
C ASN A 148 -20.31 -34.59 -8.18
N ASP A 149 -21.02 -35.07 -9.21
CA ASP A 149 -20.94 -36.47 -9.60
C ASP A 149 -19.56 -36.82 -10.13
N VAL A 150 -18.96 -35.94 -10.92
CA VAL A 150 -17.59 -36.14 -11.41
C VAL A 150 -16.62 -36.11 -10.23
N CYS A 151 -16.88 -35.21 -9.29
CA CYS A 151 -16.04 -35.06 -8.11
C CYS A 151 -16.13 -36.33 -7.24
N ASN A 152 -17.24 -37.06 -7.36
CA ASN A 152 -17.52 -38.24 -6.55
C ASN A 152 -16.98 -39.52 -7.20
N ALA A 153 -16.28 -39.38 -8.33
CA ALA A 153 -15.67 -40.50 -9.03
C ALA A 153 -14.83 -41.31 -8.05
N PRO A 154 -14.83 -42.65 -8.25
CA PRO A 154 -14.09 -43.55 -7.36
C PRO A 154 -12.61 -43.20 -7.26
N HIS A 155 -12.04 -42.65 -8.33
CA HIS A 155 -10.66 -42.20 -8.29
C HIS A 155 -10.57 -40.79 -7.68
N SER A 156 -11.71 -40.15 -7.38
CA SER A 156 -11.65 -38.86 -6.73
C SER A 156 -12.15 -39.00 -5.30
N TYR A 157 -13.30 -38.43 -4.94
CA TYR A 157 -13.72 -38.46 -3.54
C TYR A 157 -14.72 -39.58 -3.30
N ASN A 158 -15.21 -40.25 -4.36
CA ASN A 158 -15.80 -41.57 -4.24
C ASN A 158 -17.02 -41.54 -3.31
N GLY A 159 -17.86 -40.50 -3.39
CA GLY A 159 -19.13 -40.49 -2.66
C GLY A 159 -19.13 -39.52 -1.48
N ALA A 160 -17.97 -38.94 -1.14
CA ALA A 160 -17.82 -38.03 -0.01
C ALA A 160 -18.40 -36.63 -0.28
N ILE A 161 -18.59 -36.22 -1.56
CA ILE A 161 -19.16 -34.92 -1.86
C ILE A 161 -20.69 -35.01 -1.77
N LEU A 162 -21.26 -34.24 -0.84
CA LEU A 162 -22.69 -34.25 -0.55
C LEU A 162 -23.33 -33.00 -1.13
N SER A 163 -24.67 -32.93 -1.04
CA SER A 163 -25.44 -31.92 -1.77
C SER A 163 -25.14 -30.49 -1.30
N GLY A 164 -24.81 -30.28 -0.04
CA GLY A 164 -24.49 -28.95 0.45
C GLY A 164 -23.02 -28.58 0.18
N MET A 165 -22.37 -29.37 -0.65
CA MET A 165 -20.98 -29.11 -0.99
C MET A 165 -20.89 -28.83 -2.49
N LEU A 166 -19.75 -28.29 -2.87
CA LEU A 166 -19.44 -28.01 -4.26
C LEU A 166 -17.93 -28.17 -4.48
N CYS A 167 -17.56 -28.52 -5.72
CA CYS A 167 -16.17 -28.70 -6.12
C CYS A 167 -15.73 -27.74 -7.22
N ALA A 168 -14.43 -27.39 -7.20
CA ALA A 168 -13.83 -26.56 -8.22
C ALA A 168 -12.30 -26.77 -8.28
N GLY A 169 -11.74 -26.57 -9.47
CA GLY A 169 -10.34 -26.82 -9.77
C GLY A 169 -10.11 -26.75 -11.27
N VAL A 170 -8.94 -27.20 -11.74
CA VAL A 170 -8.61 -27.23 -13.17
C VAL A 170 -8.13 -28.64 -13.53
N PRO A 171 -8.31 -29.09 -14.81
CA PRO A 171 -8.08 -30.49 -15.18
C PRO A 171 -6.65 -30.97 -14.87
N GLN A 172 -5.66 -30.10 -15.11
CA GLN A 172 -4.25 -30.45 -14.93
C GLN A 172 -3.79 -30.10 -13.52
N GLY A 173 -4.71 -29.63 -12.67
CA GLY A 173 -4.36 -29.36 -11.29
C GLY A 173 -3.47 -28.13 -11.18
N GLY A 174 -2.88 -27.96 -10.00
CA GLY A 174 -1.93 -26.89 -9.76
C GLY A 174 -2.60 -25.56 -9.43
N VAL A 175 -3.93 -25.48 -9.56
CA VAL A 175 -4.67 -24.30 -9.12
C VAL A 175 -5.77 -24.71 -8.14
N ASP A 176 -5.71 -24.20 -6.90
CA ASP A 176 -6.56 -24.68 -5.82
C ASP A 176 -6.34 -23.82 -4.58
N ALA A 177 -7.33 -23.83 -3.68
CA ALA A 177 -7.15 -23.39 -2.30
C ALA A 177 -6.30 -24.40 -1.53
N CYS A 178 -5.68 -23.92 -0.43
CA CYS A 178 -4.89 -24.76 0.45
C CYS A 178 -5.12 -24.41 1.94
N GLN A 179 -4.50 -25.15 2.85
CA GLN A 179 -4.52 -24.89 4.29
C GLN A 179 -4.21 -23.43 4.51
N GLY A 180 -5.06 -22.77 5.32
CA GLY A 180 -5.04 -21.32 5.53
C GLY A 180 -6.02 -20.52 4.67
N ASP A 181 -6.64 -21.16 3.67
CA ASP A 181 -7.66 -20.52 2.85
C ASP A 181 -9.07 -20.87 3.30
N ALA A 182 -9.24 -21.74 4.29
CA ALA A 182 -10.59 -22.15 4.69
C ALA A 182 -11.39 -20.92 5.11
N GLY A 183 -12.70 -20.98 4.81
CA GLY A 183 -13.62 -19.91 5.14
C GLY A 183 -13.63 -18.76 4.12
N GLY A 184 -12.60 -18.70 3.25
CA GLY A 184 -12.54 -17.72 2.18
C GLY A 184 -13.59 -18.00 1.09
N PRO A 185 -13.89 -17.02 0.21
CA PRO A 185 -14.95 -17.21 -0.79
C PRO A 185 -14.53 -17.79 -2.14
N LEU A 186 -15.51 -18.42 -2.79
CA LEU A 186 -15.45 -18.75 -4.19
C LEU A 186 -16.60 -17.97 -4.83
N VAL A 187 -16.24 -17.06 -5.77
CA VAL A 187 -17.13 -16.01 -6.25
C VAL A 187 -17.24 -16.11 -7.77
N GLN A 188 -18.43 -15.76 -8.30
CA GLN A 188 -18.64 -15.56 -9.74
C GLN A 188 -19.32 -14.21 -9.96
N GLU A 189 -18.91 -13.52 -11.05
CA GLU A 189 -19.51 -12.27 -11.51
C GLU A 189 -20.70 -12.57 -12.42
N ASP A 190 -21.84 -11.91 -12.26
CA ASP A 190 -22.92 -12.07 -13.24
C ASP A 190 -22.76 -11.02 -14.35
N SER A 191 -23.63 -11.10 -15.36
CA SER A 191 -23.50 -10.26 -16.55
C SER A 191 -23.86 -8.80 -16.25
N ARG A 192 -24.39 -8.49 -15.05
CA ARG A 192 -24.49 -7.10 -14.62
C ARG A 192 -23.25 -6.67 -13.84
N ARG A 193 -22.20 -7.51 -13.77
CA ARG A 193 -20.97 -7.15 -13.08
C ARG A 193 -21.12 -7.17 -11.55
N LEU A 194 -22.16 -7.84 -11.04
CA LEU A 194 -22.25 -8.12 -9.61
C LEU A 194 -21.59 -9.46 -9.29
N TRP A 195 -20.93 -9.53 -8.13
CA TRP A 195 -20.25 -10.74 -7.67
C TRP A 195 -21.04 -11.43 -6.58
N PHE A 196 -21.14 -12.78 -6.68
CA PHE A 196 -21.89 -13.59 -5.75
CA PHE A 196 -21.89 -13.57 -5.72
C PHE A 196 -20.96 -14.66 -5.15
N ILE A 197 -21.14 -14.97 -3.86
CA ILE A 197 -20.39 -16.04 -3.22
C ILE A 197 -21.12 -17.36 -3.44
N VAL A 198 -20.48 -18.28 -4.19
CA VAL A 198 -21.08 -19.56 -4.53
C VAL A 198 -20.56 -20.65 -3.59
N GLY A 199 -19.32 -20.47 -3.08
CA GLY A 199 -18.70 -21.46 -2.24
C GLY A 199 -17.88 -20.85 -1.10
N ILE A 200 -17.71 -21.65 -0.04
CA ILE A 200 -16.78 -21.36 1.04
C ILE A 200 -15.72 -22.45 1.07
N VAL A 201 -14.44 -22.05 1.04
CA VAL A 201 -13.35 -23.03 1.11
C VAL A 201 -13.51 -23.90 2.36
N SER A 202 -13.49 -25.23 2.18
CA SER A 202 -13.78 -26.18 3.25
C SER A 202 -12.66 -27.23 3.39
N TRP A 203 -12.46 -28.05 2.36
CA TRP A 203 -11.56 -29.19 2.52
C TRP A 203 -11.12 -29.75 1.18
N GLY A 204 -10.20 -30.73 1.24
CA GLY A 204 -9.83 -31.51 0.07
C GLY A 204 -8.69 -32.46 0.39
N ASP A 205 -8.34 -33.34 -0.54
CA ASP A 205 -7.18 -34.20 -0.32
C ASP A 205 -5.90 -33.51 -0.77
N GLN A 206 -5.10 -33.08 0.21
CA GLN A 206 -3.96 -32.22 -0.07
C GLN A 206 -4.45 -30.99 -0.83
N CYS A 207 -3.65 -30.48 -1.78
CA CYS A 207 -3.94 -29.26 -2.53
C CYS A 207 -3.39 -29.39 -3.94
N GLY A 208 -4.23 -29.17 -4.94
CA GLY A 208 -3.78 -29.02 -6.31
C GLY A 208 -3.62 -30.34 -7.05
N LEU A 209 -4.05 -31.45 -6.44
CA LEU A 209 -4.01 -32.73 -7.12
C LEU A 209 -5.09 -32.75 -8.21
N PRO A 210 -4.72 -33.15 -9.44
CA PRO A 210 -5.70 -33.20 -10.55
C PRO A 210 -6.94 -34.03 -10.25
N ASP A 211 -6.76 -35.15 -9.55
CA ASP A 211 -7.89 -36.03 -9.25
C ASP A 211 -8.65 -35.60 -7.99
N LYS A 212 -8.12 -34.61 -7.26
CA LYS A 212 -8.69 -34.17 -6.00
C LYS A 212 -8.89 -32.65 -6.04
N PRO A 213 -9.97 -32.14 -6.67
CA PRO A 213 -10.31 -30.71 -6.65
C PRO A 213 -10.69 -30.22 -5.25
N GLY A 214 -10.75 -28.89 -5.08
CA GLY A 214 -11.12 -28.26 -3.82
C GLY A 214 -12.61 -28.47 -3.54
N VAL A 215 -12.94 -28.73 -2.27
CA VAL A 215 -14.33 -28.90 -1.85
C VAL A 215 -14.74 -27.67 -1.03
N TYR A 216 -15.96 -27.19 -1.29
CA TYR A 216 -16.44 -25.93 -0.76
C TYR A 216 -17.85 -26.12 -0.27
N THR A 217 -18.22 -25.37 0.78
CA THR A 217 -19.61 -25.33 1.20
C THR A 217 -20.42 -24.58 0.14
N ARG A 218 -21.47 -25.25 -0.37
CA ARG A 218 -22.40 -24.63 -1.29
C ARG A 218 -23.31 -23.60 -0.60
N VAL A 219 -23.13 -22.32 -0.92
CA VAL A 219 -23.79 -21.26 -0.15
C VAL A 219 -25.31 -21.29 -0.39
N THR A 220 -25.76 -21.67 -1.58
CA THR A 220 -27.21 -21.70 -1.84
C THR A 220 -27.95 -22.59 -0.85
N ALA A 221 -27.27 -23.63 -0.35
CA ALA A 221 -27.92 -24.62 0.51
C ALA A 221 -28.12 -24.10 1.92
N TYR A 222 -27.64 -22.89 2.23
CA TYR A 222 -27.66 -22.39 3.59
C TYR A 222 -28.32 -21.01 3.67
N LEU A 223 -28.99 -20.57 2.60
CA LEU A 223 -29.55 -19.22 2.53
C LEU A 223 -30.53 -18.93 3.66
N ASP A 224 -31.41 -19.89 3.94
CA ASP A 224 -32.43 -19.76 4.97
C ASP A 224 -31.81 -19.67 6.37
N TRP A 225 -30.82 -20.51 6.67
CA TRP A 225 -30.05 -20.39 7.91
C TRP A 225 -29.42 -19.00 8.05
N ILE A 226 -28.73 -18.54 6.99
CA ILE A 226 -28.09 -17.23 7.05
C ILE A 226 -29.13 -16.12 7.29
N ARG A 227 -30.20 -16.11 6.52
CA ARG A 227 -31.21 -15.08 6.70
C ARG A 227 -31.75 -15.09 8.13
N GLN A 228 -31.97 -16.27 8.72
CA GLN A 228 -32.52 -16.33 10.07
C GLN A 228 -31.56 -15.65 11.02
N GLN A 229 -30.28 -16.00 10.89
CA GLN A 229 -29.30 -15.57 11.88
C GLN A 229 -29.00 -14.08 11.71
N THR A 230 -29.08 -13.56 10.47
CA THR A 230 -28.56 -12.23 10.18
C THR A 230 -29.64 -11.26 9.67
N GLY A 231 -30.78 -11.79 9.19
CA GLY A 231 -31.76 -10.99 8.46
C GLY A 231 -31.32 -10.60 7.05
N ILE A 232 -30.24 -11.21 6.52
CA ILE A 232 -29.75 -10.96 5.17
C ILE A 232 -30.29 -12.00 4.17
N LEU B 1 -18.58 0.89 -1.41
CA LEU B 1 -19.91 1.14 -1.98
C LEU B 1 -20.87 1.38 -0.84
N ILE B 2 -22.04 0.76 -0.90
CA ILE B 2 -23.07 1.09 0.11
C ILE B 2 -23.69 -0.18 0.66
N ASN B 3 -24.72 0.00 1.47
CA ASN B 3 -25.48 -1.18 1.92
C ASN B 3 -26.18 -1.79 0.71
N GLU B 4 -25.45 -2.06 -0.37
CA GLU B 4 -25.95 -2.85 -1.52
C GLU B 4 -24.98 -4.03 -1.52
N CYS B 5 -24.63 -4.65 -2.66
CA CYS B 5 -23.61 -5.72 -2.57
C CYS B 5 -23.03 -6.18 -3.91
N GLY B 6 -21.87 -6.84 -3.88
CA GLY B 6 -21.28 -7.49 -5.05
C GLY B 6 -20.53 -6.60 -6.02
N ALA B 7 -20.33 -5.34 -5.66
CA ALA B 7 -19.73 -4.41 -6.62
C ALA B 7 -18.20 -4.45 -6.67
N GLY B 8 -17.66 -4.81 -7.81
CA GLY B 8 -16.23 -4.64 -8.06
C GLY B 8 -15.89 -3.18 -8.27
N PRO B 9 -14.57 -2.84 -8.31
CA PRO B 9 -14.10 -1.45 -8.42
C PRO B 9 -14.59 -0.72 -9.68
N ASP B 10 -14.62 -1.41 -10.80
CA ASP B 10 -15.05 -0.83 -12.06
C ASP B 10 -16.53 -0.41 -11.99
N LEU B 11 -17.38 -1.16 -11.26
CA LEU B 11 -18.78 -0.79 -11.13
C LEU B 11 -18.90 0.48 -10.27
N ILE B 12 -18.11 0.55 -9.22
CA ILE B 12 -18.19 1.72 -8.36
C ILE B 12 -17.79 2.99 -9.11
N THR B 13 -16.65 2.94 -9.83
CA THR B 13 -16.13 4.13 -10.49
C THR B 13 -17.14 4.58 -11.56
N LEU B 14 -17.69 3.63 -12.30
CA LEU B 14 -18.77 3.92 -13.24
C LEU B 14 -19.89 4.69 -12.55
N SER B 15 -20.37 4.25 -11.42
CA SER B 15 -21.53 4.89 -10.81
C SER B 15 -21.20 6.30 -10.34
N GLU B 16 -19.90 6.59 -10.09
CA GLU B 16 -19.44 7.91 -9.68
C GLU B 16 -19.35 8.91 -10.84
N GLN B 17 -19.10 8.40 -12.06
CA GLN B 17 -18.97 9.22 -13.25
C GLN B 17 -20.26 9.98 -13.53
N ARG B 18 -20.13 11.26 -13.89
CA ARG B 18 -21.29 12.07 -14.16
C ARG B 18 -21.59 12.09 -15.68
N ILE C 1 18.59 24.57 7.17
CA ILE C 1 17.48 24.09 8.06
C ILE C 1 17.48 24.92 9.35
N LEU C 2 16.32 25.51 9.65
CA LEU C 2 16.03 26.17 10.91
C LEU C 2 15.37 25.19 11.87
N GLY C 3 15.79 25.23 13.13
CA GLY C 3 15.05 24.58 14.20
C GLY C 3 15.25 23.06 14.25
N GLY C 4 16.32 22.55 13.65
CA GLY C 4 16.56 21.12 13.63
C GLY C 4 17.90 20.75 14.26
N THR C 5 18.38 19.55 13.91
CA THR C 5 19.49 18.91 14.58
C THR C 5 20.41 18.32 13.52
N GLU C 6 21.68 18.12 13.88
CA GLU C 6 22.60 17.38 13.03
C GLU C 6 22.13 15.92 12.83
N ALA C 7 22.15 15.46 11.57
CA ALA C 7 21.74 14.11 11.27
C ALA C 7 22.93 13.16 11.45
N GLU C 8 22.61 11.90 11.76
CA GLU C 8 23.60 10.85 11.90
C GLU C 8 23.85 10.17 10.57
N GLU C 9 25.12 9.77 10.37
CA GLU C 9 25.52 8.80 9.34
C GLU C 9 24.44 7.73 9.25
N GLY C 10 23.83 7.62 8.08
CA GLY C 10 22.90 6.55 7.76
C GLY C 10 21.42 6.89 7.84
N SER C 11 21.06 8.04 8.46
CA SER C 11 19.66 8.43 8.60
C SER C 11 18.94 8.65 7.26
N TRP C 12 19.64 9.36 6.36
CA TRP C 12 19.06 9.82 5.10
C TRP C 12 19.93 9.41 3.92
N PRO C 13 19.91 8.11 3.56
CA PRO C 13 20.85 7.57 2.55
C PRO C 13 20.72 8.12 1.12
N TRP C 14 19.58 8.77 0.80
CA TRP C 14 19.30 9.30 -0.52
C TRP C 14 19.77 10.76 -0.70
N GLN C 15 20.11 11.45 0.40
CA GLN C 15 20.48 12.85 0.38
C GLN C 15 21.85 13.01 -0.26
N VAL C 16 21.99 13.93 -1.23
CA VAL C 16 23.27 14.24 -1.83
C VAL C 16 23.44 15.76 -1.85
N SER C 17 24.71 16.20 -1.86
CA SER C 17 25.06 17.59 -2.05
C SER C 17 25.40 17.80 -3.52
N LEU C 18 24.88 18.87 -4.13
CA LEU C 18 25.26 19.17 -5.49
C LEU C 18 26.21 20.35 -5.42
N ARG C 19 27.47 20.14 -5.87
CA ARG C 19 28.51 21.15 -5.78
C ARG C 19 28.68 21.85 -7.13
N LEU C 20 28.55 23.18 -7.14
CA LEU C 20 28.88 23.93 -8.33
C LEU C 20 30.25 24.58 -8.11
N ASN C 21 31.15 24.36 -9.08
CA ASN C 21 32.52 24.86 -9.05
C ASN C 21 33.09 24.67 -7.65
N ASN C 22 33.00 23.42 -7.13
CA ASN C 22 33.58 22.99 -5.88
C ASN C 22 33.09 23.83 -4.70
N ALA C 23 31.78 24.08 -4.62
CA ALA C 23 31.17 24.53 -3.39
C ALA C 23 29.74 24.02 -3.33
N HIS C 24 29.26 23.71 -2.13
CA HIS C 24 27.91 23.21 -1.94
C HIS C 24 26.96 24.26 -2.50
N HIS C 25 26.04 23.89 -3.39
CA HIS C 25 25.07 24.83 -3.91
C HIS C 25 23.63 24.41 -3.59
N CYS C 26 23.34 23.12 -3.67
CA CYS C 26 21.99 22.62 -3.57
CA CYS C 26 22.01 22.67 -3.37
C CYS C 26 22.00 21.20 -2.99
N GLY C 27 20.85 20.72 -2.56
CA GLY C 27 20.69 19.34 -2.21
C GLY C 27 19.94 18.63 -3.34
N GLY C 28 19.81 17.32 -3.17
CA GLY C 28 19.09 16.43 -4.08
C GLY C 28 18.89 15.07 -3.43
N SER C 29 18.07 14.24 -4.08
CA SER C 29 17.77 12.92 -3.58
C SER C 29 18.02 11.88 -4.65
N LEU C 30 18.70 10.79 -4.30
CA LEU C 30 18.76 9.63 -5.19
C LEU C 30 17.38 8.98 -5.35
N ILE C 31 16.91 8.78 -6.58
CA ILE C 31 15.66 8.06 -6.78
C ILE C 31 15.88 6.69 -7.46
N ASN C 32 17.10 6.44 -7.98
CA ASN C 32 17.66 5.13 -8.28
C ASN C 32 19.18 5.36 -8.34
N ASN C 33 19.96 4.37 -8.78
CA ASN C 33 21.40 4.49 -8.69
C ASN C 33 22.02 5.25 -9.86
N MET C 34 21.21 5.90 -10.71
CA MET C 34 21.71 6.72 -11.80
C MET C 34 21.21 8.18 -11.74
N TRP C 35 20.18 8.45 -10.93
CA TRP C 35 19.38 9.64 -11.09
C TRP C 35 19.17 10.32 -9.74
N ILE C 36 19.23 11.65 -9.79
CA ILE C 36 19.01 12.54 -8.64
C ILE C 36 17.90 13.53 -8.94
N LEU C 37 16.95 13.64 -8.04
CA LEU C 37 15.86 14.59 -8.15
C LEU C 37 16.21 15.83 -7.33
N THR C 38 16.01 17.01 -7.95
CA THR C 38 16.34 18.29 -7.36
C THR C 38 15.42 19.36 -7.95
N ALA C 39 15.83 20.60 -7.71
CA ALA C 39 15.11 21.79 -8.16
C ALA C 39 15.81 22.43 -9.36
N ALA C 40 15.00 22.89 -10.31
CA ALA C 40 15.45 23.59 -11.52
C ALA C 40 16.23 24.88 -11.23
N HIS C 41 15.82 25.66 -10.21
CA HIS C 41 16.39 27.00 -10.02
C HIS C 41 17.84 26.93 -9.54
N CYS C 42 18.26 25.76 -9.06
CA CYS C 42 19.64 25.49 -8.66
C CYS C 42 20.63 25.75 -9.78
N PHE C 43 20.17 25.60 -11.03
CA PHE C 43 21.00 25.65 -12.23
C PHE C 43 20.86 26.97 -13.02
N ARG C 44 20.22 27.98 -12.41
CA ARG C 44 19.90 29.24 -13.06
C ARG C 44 21.15 29.93 -13.64
N SER C 45 22.31 29.79 -13.00
CA SER C 45 23.51 30.44 -13.50
C SER C 45 24.51 29.46 -14.15
N ASN C 46 24.28 28.14 -14.05
CA ASN C 46 25.18 27.15 -14.63
C ASN C 46 24.48 25.78 -14.75
N SER C 47 24.24 25.33 -15.98
CA SER C 47 23.65 24.02 -16.21
C SER C 47 24.58 23.16 -17.06
N ASN C 48 25.89 23.34 -16.83
CA ASN C 48 26.92 22.56 -17.48
C ASN C 48 27.29 21.36 -16.61
N PRO C 49 26.99 20.12 -17.04
CA PRO C 49 27.34 18.95 -16.25
C PRO C 49 28.78 19.00 -15.78
N ARG C 50 29.70 19.51 -16.62
CA ARG C 50 31.13 19.49 -16.32
C ARG C 50 31.44 20.22 -15.03
N ASP C 51 30.58 21.15 -14.61
CA ASP C 51 30.92 22.02 -13.47
C ASP C 51 30.31 21.49 -12.16
N TRP C 52 29.56 20.38 -12.25
CA TRP C 52 28.84 19.92 -11.08
C TRP C 52 29.36 18.56 -10.64
N ILE C 53 29.32 18.37 -9.32
CA ILE C 53 29.65 17.11 -8.66
C ILE C 53 28.54 16.83 -7.67
N ALA C 54 28.13 15.56 -7.56
CA ALA C 54 27.26 15.12 -6.49
C ALA C 54 28.12 14.51 -5.39
N THR C 55 27.76 14.71 -4.13
CA THR C 55 28.42 13.96 -3.08
C THR C 55 27.40 13.36 -2.13
N SER C 56 27.81 12.20 -1.57
CA SER C 56 27.15 11.48 -0.50
C SER C 56 27.97 11.46 0.79
N GLY C 57 27.29 11.47 1.94
CA GLY C 57 27.89 11.61 3.26
C GLY C 57 27.31 12.82 3.98
N ILE C 58 27.33 12.81 5.30
CA ILE C 58 26.77 13.89 6.09
C ILE C 58 27.65 15.14 6.06
N SER C 59 28.90 15.05 5.58
CA SER C 59 29.77 16.22 5.57
C SER C 59 30.10 16.61 4.13
N THR C 60 29.92 17.90 3.78
CA THR C 60 30.36 18.41 2.49
C THR C 60 31.85 18.76 2.51
N THR C 61 32.45 18.79 3.70
CA THR C 61 33.89 18.94 3.83
C THR C 61 34.58 17.58 3.64
N PHE C 62 34.05 16.50 4.22
CA PHE C 62 34.64 15.17 4.05
C PHE C 62 33.58 14.17 3.58
N PRO C 63 33.19 14.23 2.29
CA PRO C 63 32.16 13.31 1.77
C PRO C 63 32.71 11.89 1.76
N LYS C 64 31.81 10.91 1.90
CA LYS C 64 32.15 9.52 1.71
C LYS C 64 32.26 9.20 0.22
N LEU C 65 31.66 9.98 -0.67
CA LEU C 65 31.69 9.61 -2.09
C LEU C 65 31.51 10.86 -2.96
N ARG C 66 32.28 10.95 -4.05
CA ARG C 66 32.14 11.96 -5.07
C ARG C 66 31.73 11.33 -6.40
N MET C 67 30.71 11.91 -7.05
CA MET C 67 30.12 11.38 -8.28
C MET C 67 30.04 12.47 -9.36
N ARG C 68 30.61 12.13 -10.52
CA ARG C 68 30.52 12.95 -11.70
C ARG C 68 29.11 12.84 -12.29
N VAL C 69 28.70 13.95 -12.93
CA VAL C 69 27.36 14.13 -13.45
C VAL C 69 27.44 14.17 -14.97
N ARG C 70 26.45 13.63 -15.64
CA ARG C 70 26.49 13.49 -17.08
C ARG C 70 25.52 14.46 -17.75
N ASN C 71 24.26 14.48 -17.28
CA ASN C 71 23.18 15.26 -17.87
C ASN C 71 22.45 16.04 -16.77
N ILE C 72 21.95 17.24 -17.10
CA ILE C 72 21.05 17.93 -16.20
C ILE C 72 19.79 18.25 -16.98
N LEU C 73 18.65 17.73 -16.57
CA LEU C 73 17.40 17.94 -17.28
C LEU C 73 16.52 18.85 -16.43
N ILE C 74 16.20 20.01 -16.96
CA ILE C 74 15.35 20.94 -16.26
C ILE C 74 13.97 20.75 -16.87
N HIS C 75 12.94 20.84 -16.06
CA HIS C 75 11.59 20.82 -16.61
C HIS C 75 11.44 21.91 -17.69
N ASN C 76 10.89 21.55 -18.85
N ASN C 76 10.85 21.51 -18.83
CA ASN C 76 10.80 22.46 -19.99
CA ASN C 76 10.69 22.35 -20.00
C ASN C 76 9.86 23.64 -19.69
C ASN C 76 9.86 23.59 -19.69
N ASN C 77 8.90 23.47 -18.77
CA ASN C 77 7.99 24.54 -18.41
C ASN C 77 8.38 25.15 -17.07
N TYR C 78 9.64 25.08 -16.68
CA TYR C 78 10.08 25.80 -15.48
C TYR C 78 9.89 27.30 -15.71
N LYS C 79 9.25 28.00 -14.77
CA LYS C 79 9.03 29.45 -14.89
C LYS C 79 9.60 30.14 -13.65
N SER C 80 10.74 30.83 -13.79
CA SER C 80 11.39 31.42 -12.63
C SER C 80 10.57 32.52 -11.98
N ALA C 81 9.76 33.24 -12.76
CA ALA C 81 9.01 34.39 -12.25
C ALA C 81 7.92 33.99 -11.24
N THR C 82 7.32 32.80 -11.41
CA THR C 82 6.25 32.34 -10.54
C THR C 82 6.65 31.11 -9.72
N HIS C 83 7.91 30.64 -9.87
CA HIS C 83 8.43 29.44 -9.23
C HIS C 83 7.72 28.16 -9.70
N GLU C 84 7.07 28.17 -10.88
CA GLU C 84 6.25 27.05 -11.30
C GLU C 84 7.14 25.98 -11.95
N ASN C 85 6.83 24.69 -11.70
CA ASN C 85 7.55 23.55 -12.25
C ASN C 85 9.04 23.59 -11.90
N ASP C 86 9.37 23.88 -10.62
CA ASP C 86 10.77 23.99 -10.18
C ASP C 86 11.28 22.60 -9.80
N ILE C 87 11.78 21.90 -10.82
CA ILE C 87 12.10 20.49 -10.68
C ILE C 87 13.13 20.14 -11.75
N ALA C 88 14.05 19.26 -11.42
CA ALA C 88 15.10 18.88 -12.33
C ALA C 88 15.57 17.46 -11.98
N LEU C 89 16.22 16.83 -12.96
CA LEU C 89 16.88 15.53 -12.83
C LEU C 89 18.34 15.70 -13.20
N VAL C 90 19.19 15.09 -12.39
CA VAL C 90 20.59 14.99 -12.67
C VAL C 90 20.95 13.51 -12.89
N ARG C 91 21.50 13.22 -14.08
CA ARG C 91 21.97 11.87 -14.41
C ARG C 91 23.44 11.75 -14.05
N LEU C 92 23.81 10.70 -13.30
CA LEU C 92 25.21 10.44 -12.94
C LEU C 92 25.93 9.78 -14.12
N GLU C 93 27.21 10.09 -14.24
CA GLU C 93 28.04 9.59 -15.31
C GLU C 93 28.04 8.07 -15.22
N ASN C 94 28.38 7.55 -14.04
CA ASN C 94 28.36 6.10 -13.83
C ASN C 94 27.44 5.79 -12.64
N SER C 95 26.65 4.72 -12.74
CA SER C 95 25.77 4.35 -11.64
C SER C 95 26.58 4.16 -10.35
N VAL C 96 25.94 4.42 -9.23
CA VAL C 96 26.56 4.21 -7.93
C VAL C 96 26.14 2.81 -7.43
N THR C 97 26.99 2.22 -6.58
CA THR C 97 26.66 0.96 -5.91
C THR C 97 25.94 1.28 -4.61
N PHE C 98 24.69 0.81 -4.50
CA PHE C 98 23.90 1.05 -3.29
C PHE C 98 24.37 0.18 -2.12
N THR C 99 24.25 0.79 -0.92
CA THR C 99 24.60 0.20 0.34
C THR C 99 23.59 0.67 1.40
N LYS C 100 23.82 0.23 2.64
CA LYS C 100 22.97 0.63 3.73
C LYS C 100 23.10 2.15 3.93
N ASP C 101 24.24 2.75 3.58
CA ASP C 101 24.44 4.18 3.74
C ASP C 101 24.03 5.02 2.52
N ILE C 102 23.97 4.43 1.31
CA ILE C 102 23.69 5.19 0.10
C ILE C 102 22.67 4.40 -0.72
N HIS C 103 21.46 4.92 -0.83
CA HIS C 103 20.44 4.29 -1.66
C HIS C 103 19.27 5.24 -1.81
N SER C 104 18.21 4.78 -2.48
CA SER C 104 17.17 5.65 -2.97
C SER C 104 16.04 5.83 -1.96
N VAL C 105 15.36 6.99 -2.06
CA VAL C 105 14.07 7.25 -1.43
C VAL C 105 12.98 6.74 -2.38
N CYS C 106 11.83 6.38 -1.84
CA CYS C 106 10.68 6.00 -2.68
C CYS C 106 9.94 7.22 -3.24
N LEU C 107 9.51 7.13 -4.49
CA LEU C 107 8.56 8.08 -5.04
C LEU C 107 7.19 7.81 -4.44
N PRO C 108 6.36 8.85 -4.25
CA PRO C 108 4.99 8.67 -3.76
C PRO C 108 4.08 8.06 -4.84
N ALA C 109 2.99 7.41 -4.44
CA ALA C 109 1.98 6.98 -5.40
C ALA C 109 1.30 8.23 -5.97
N ALA C 110 0.78 8.14 -7.21
CA ALA C 110 0.00 9.22 -7.77
C ALA C 110 -1.16 9.56 -6.86
N THR C 111 -1.66 8.56 -6.14
CA THR C 111 -2.85 8.73 -5.31
C THR C 111 -2.44 8.90 -3.84
N GLN C 112 -1.17 9.20 -3.55
CA GLN C 112 -0.74 9.34 -2.17
C GLN C 112 -1.68 10.27 -1.41
N ASN C 113 -2.01 9.89 -0.19
CA ASN C 113 -2.84 10.72 0.68
C ASN C 113 -1.90 11.48 1.63
N ILE C 114 -1.89 12.81 1.54
CA ILE C 114 -0.98 13.61 2.36
C ILE C 114 -1.80 14.61 3.16
N PRO C 115 -2.29 14.24 4.36
CA PRO C 115 -3.21 15.11 5.07
C PRO C 115 -2.50 16.33 5.63
N PRO C 116 -3.21 17.48 5.68
CA PRO C 116 -2.80 18.60 6.50
C PRO C 116 -2.50 18.18 7.92
N GLY C 117 -1.40 18.71 8.50
CA GLY C 117 -1.02 18.40 9.86
C GLY C 117 -0.15 17.15 9.97
N SER C 118 -0.07 16.29 8.92
CA SER C 118 0.81 15.15 8.93
C SER C 118 2.27 15.62 8.99
N THR C 119 3.10 14.80 9.64
CA THR C 119 4.48 15.10 9.93
C THR C 119 5.36 14.76 8.72
N ALA C 120 6.54 15.41 8.63
CA ALA C 120 7.46 15.19 7.54
C ALA C 120 8.83 15.72 7.92
N TYR C 121 9.90 15.19 7.30
CA TYR C 121 11.23 15.69 7.57
C TYR C 121 11.81 16.31 6.32
N VAL C 122 12.56 17.38 6.55
CA VAL C 122 13.29 18.09 5.54
C VAL C 122 14.75 18.15 5.99
N THR C 123 15.65 17.95 5.02
CA THR C 123 17.06 17.78 5.29
C THR C 123 17.93 18.64 4.38
N GLY C 124 19.10 19.06 4.88
CA GLY C 124 20.00 19.81 4.04
C GLY C 124 21.11 20.47 4.84
N TRP C 125 21.96 21.15 4.07
CA TRP C 125 23.09 21.91 4.55
C TRP C 125 22.84 23.44 4.52
N GLY C 126 21.59 23.89 4.35
CA GLY C 126 21.33 25.32 4.29
C GLY C 126 21.56 26.04 5.62
N ALA C 127 21.25 27.34 5.62
CA ALA C 127 21.46 28.23 6.77
C ALA C 127 20.55 27.85 7.94
N GLN C 128 21.03 28.14 9.16
CA GLN C 128 20.24 27.89 10.35
C GLN C 128 19.39 29.11 10.76
N GLU C 129 19.59 30.22 10.06
N GLU C 129 19.56 30.22 10.04
CA GLU C 129 18.73 31.38 10.20
CA GLU C 129 18.75 31.42 10.25
C GLU C 129 18.70 32.10 8.86
C GLU C 129 18.74 32.18 8.93
N TYR C 130 17.64 32.88 8.63
CA TYR C 130 17.56 33.69 7.42
C TYR C 130 18.78 34.65 7.33
N ALA C 131 19.41 34.66 6.15
CA ALA C 131 20.62 35.42 5.85
C ALA C 131 21.87 34.87 6.53
N GLY C 132 21.76 33.71 7.17
CA GLY C 132 22.92 33.01 7.70
C GLY C 132 23.78 32.40 6.59
N HIS C 133 24.56 31.37 6.95
CA HIS C 133 25.46 30.69 6.01
CA HIS C 133 25.48 30.69 6.03
C HIS C 133 25.17 29.19 6.02
N THR C 134 25.51 28.55 4.90
CA THR C 134 25.47 27.09 4.79
C THR C 134 26.40 26.43 5.81
N VAL C 135 26.14 25.13 6.07
CA VAL C 135 26.82 24.41 7.14
C VAL C 135 27.46 23.16 6.55
N PRO C 136 28.63 22.73 7.08
CA PRO C 136 29.27 21.52 6.57
C PRO C 136 28.54 20.21 6.89
N GLU C 137 27.77 20.21 7.99
CA GLU C 137 27.18 19.03 8.57
C GLU C 137 25.68 19.00 8.29
N LEU C 138 25.20 17.91 7.70
CA LEU C 138 23.81 17.79 7.30
C LEU C 138 22.91 17.95 8.53
N ARG C 139 21.79 18.66 8.36
CA ARG C 139 20.80 18.82 9.42
C ARG C 139 19.45 18.31 8.93
N GLN C 140 18.53 18.20 9.88
CA GLN C 140 17.20 17.70 9.62
C GLN C 140 16.24 18.43 10.52
N GLY C 141 14.99 18.55 10.06
CA GLY C 141 13.97 19.24 10.82
C GLY C 141 12.60 18.64 10.59
N GLN C 142 11.76 18.71 11.61
CA GLN C 142 10.45 18.11 11.52
C GLN C 142 9.44 19.23 11.36
N VAL C 143 8.55 19.12 10.36
CA VAL C 143 7.56 20.13 10.04
C VAL C 143 6.23 19.42 9.80
N ARG C 144 5.17 20.19 9.55
CA ARG C 144 3.87 19.61 9.25
C ARG C 144 3.36 20.13 7.91
N ILE C 145 2.65 19.26 7.18
CA ILE C 145 1.99 19.68 5.96
C ILE C 145 0.97 20.74 6.33
N ILE C 146 0.95 21.83 5.55
CA ILE C 146 -0.07 22.86 5.60
C ILE C 146 -0.78 22.89 4.25
N SER C 147 -2.12 22.86 4.29
CA SER C 147 -2.94 22.91 3.10
C SER C 147 -2.59 24.11 2.21
N ASN C 148 -2.62 23.91 0.87
CA ASN C 148 -2.31 24.96 -0.09
C ASN C 148 -3.22 26.18 0.09
N ASP C 149 -4.49 25.93 0.45
CA ASP C 149 -5.51 26.96 0.57
C ASP C 149 -5.31 27.85 1.81
N VAL C 150 -4.90 27.26 2.92
CA VAL C 150 -4.45 28.02 4.08
C VAL C 150 -3.21 28.86 3.74
N CYS C 151 -2.25 28.22 3.08
CA CYS C 151 -0.97 28.77 2.70
C CYS C 151 -1.11 29.90 1.67
N ASN C 152 -2.26 29.93 0.95
CA ASN C 152 -2.51 30.81 -0.17
C ASN C 152 -3.36 32.00 0.25
N ALA C 153 -3.76 32.04 1.52
CA ALA C 153 -4.67 33.06 2.00
C ALA C 153 -4.03 34.45 1.90
N PRO C 154 -4.87 35.52 1.82
CA PRO C 154 -4.38 36.89 1.66
C PRO C 154 -3.33 37.32 2.67
N HIS C 155 -3.50 36.90 3.94
CA HIS C 155 -2.55 37.19 4.99
C HIS C 155 -1.24 36.36 4.90
N SER C 156 -1.16 35.41 3.93
CA SER C 156 0.03 34.59 3.76
CA SER C 156 0.01 34.57 3.75
C SER C 156 0.62 34.82 2.37
N TYR C 157 0.49 33.86 1.43
CA TYR C 157 1.15 33.99 0.14
C TYR C 157 0.17 34.53 -0.90
N ASN C 158 -1.12 34.65 -0.53
CA ASN C 158 -1.99 35.57 -1.27
C ASN C 158 -2.07 35.17 -2.74
N GLY C 159 -2.24 33.88 -3.04
CA GLY C 159 -2.48 33.44 -4.40
C GLY C 159 -1.26 32.85 -5.12
N ALA C 160 -0.05 33.00 -4.53
CA ALA C 160 1.19 32.56 -5.16
C ALA C 160 1.41 31.03 -5.11
N ILE C 161 0.61 30.26 -4.35
CA ILE C 161 0.76 28.81 -4.24
C ILE C 161 -0.12 28.12 -5.28
N LEU C 162 0.50 27.42 -6.23
CA LEU C 162 -0.17 26.70 -7.30
C LEU C 162 -0.26 25.19 -7.01
N SER C 163 -0.97 24.45 -7.87
CA SER C 163 -1.35 23.08 -7.61
CA SER C 163 -1.35 23.08 -7.59
C SER C 163 -0.15 22.14 -7.53
N GLY C 164 0.86 22.40 -8.35
CA GLY C 164 2.11 21.66 -8.35
C GLY C 164 3.07 22.07 -7.21
N MET C 165 2.56 22.82 -6.21
CA MET C 165 3.36 23.19 -5.05
C MET C 165 2.74 22.60 -3.80
N LEU C 166 3.53 22.62 -2.72
CA LEU C 166 3.09 22.13 -1.43
C LEU C 166 3.79 22.95 -0.34
N CYS C 167 3.11 23.15 0.79
CA CYS C 167 3.64 23.94 1.90
C CYS C 167 3.78 23.10 3.17
N ALA C 168 4.77 23.47 3.99
CA ALA C 168 4.99 22.81 5.26
C ALA C 168 5.72 23.78 6.19
N GLY C 169 5.43 23.68 7.48
CA GLY C 169 6.17 24.34 8.54
C GLY C 169 5.49 24.01 9.88
N VAL C 170 5.71 24.84 10.92
CA VAL C 170 5.18 24.57 12.26
C VAL C 170 4.46 25.82 12.76
N PRO C 171 3.30 25.69 13.47
CA PRO C 171 2.48 26.85 13.86
C PRO C 171 3.24 27.87 14.73
N GLN C 172 4.25 27.39 15.45
CA GLN C 172 5.02 28.27 16.31
C GLN C 172 6.13 28.92 15.50
N GLY C 173 6.35 28.46 14.26
CA GLY C 173 7.46 28.95 13.46
C GLY C 173 8.82 28.47 13.95
N GLY C 174 9.89 28.87 13.26
CA GLY C 174 11.27 28.58 13.65
C GLY C 174 11.81 27.24 13.13
N VAL C 175 10.97 26.47 12.42
CA VAL C 175 11.41 25.20 11.84
C VAL C 175 11.05 25.20 10.36
N ASP C 176 12.09 25.19 9.50
CA ASP C 176 11.92 25.41 8.08
C ASP C 176 13.25 25.15 7.37
N ALA C 177 13.15 24.96 6.04
CA ALA C 177 14.29 25.04 5.15
C ALA C 177 14.64 26.50 4.91
N CYS C 178 15.86 26.72 4.41
CA CYS C 178 16.38 28.06 4.19
C CYS C 178 17.32 28.03 2.97
N GLN C 179 17.96 29.16 2.61
CA GLN C 179 18.87 29.23 1.46
C GLN C 179 19.97 28.19 1.67
N GLY C 180 20.32 27.44 0.60
CA GLY C 180 21.26 26.31 0.65
C GLY C 180 20.59 24.93 0.68
N ASP C 181 19.31 24.90 1.07
CA ASP C 181 18.55 23.69 1.19
C ASP C 181 17.76 23.33 -0.07
N ALA C 182 17.72 24.20 -1.09
CA ALA C 182 16.90 23.98 -2.28
C ALA C 182 17.29 22.66 -2.92
N GLY C 183 16.26 22.00 -3.46
CA GLY C 183 16.42 20.75 -4.14
C GLY C 183 16.51 19.54 -3.19
N GLY C 184 16.65 19.79 -1.87
CA GLY C 184 16.61 18.74 -0.87
C GLY C 184 15.19 18.21 -0.72
N PRO C 185 15.06 17.03 -0.08
CA PRO C 185 13.78 16.34 0.07
C PRO C 185 12.96 16.74 1.28
N LEU C 186 11.65 16.61 1.12
CA LEU C 186 10.68 16.54 2.19
C LEU C 186 10.02 15.16 2.15
N VAL C 187 10.20 14.39 3.24
CA VAL C 187 9.97 12.94 3.26
C VAL C 187 9.03 12.60 4.40
N GLN C 188 8.13 11.65 4.12
CA GLN C 188 7.32 11.00 5.14
C GLN C 188 7.59 9.49 5.14
N GLU C 189 7.37 8.88 6.31
CA GLU C 189 7.59 7.46 6.54
C GLU C 189 6.24 6.75 6.56
N ASP C 190 6.10 5.58 5.93
CA ASP C 190 4.83 4.87 6.00
C ASP C 190 4.92 3.80 7.09
N SER C 191 3.84 3.01 7.23
CA SER C 191 3.71 1.98 8.26
C SER C 191 4.70 0.84 8.03
N ARG C 192 5.10 0.60 6.78
CA ARG C 192 6.17 -0.36 6.54
C ARG C 192 7.53 0.20 6.95
N ARG C 193 7.60 1.44 7.45
CA ARG C 193 8.86 2.10 7.79
C ARG C 193 9.71 2.40 6.55
N LEU C 194 9.02 2.61 5.41
CA LEU C 194 9.67 3.04 4.18
C LEU C 194 9.41 4.55 4.01
N TRP C 195 10.43 5.29 3.56
CA TRP C 195 10.32 6.72 3.33
C TRP C 195 10.00 7.05 1.86
N PHE C 196 9.10 8.04 1.69
CA PHE C 196 8.74 8.54 0.38
CA PHE C 196 8.66 8.55 0.42
C PHE C 196 8.88 10.05 0.39
N ILE C 197 9.32 10.56 -0.78
CA ILE C 197 9.57 11.97 -0.99
C ILE C 197 8.28 12.62 -1.49
N VAL C 198 7.80 13.63 -0.71
CA VAL C 198 6.57 14.33 -1.05
C VAL C 198 6.84 15.71 -1.62
N GLY C 199 7.99 16.28 -1.29
CA GLY C 199 8.31 17.63 -1.64
C GLY C 199 9.78 17.75 -1.98
N ILE C 200 10.06 18.76 -2.84
CA ILE C 200 11.42 19.23 -3.08
C ILE C 200 11.51 20.70 -2.65
N VAL C 201 12.54 21.03 -1.85
CA VAL C 201 12.63 22.37 -1.29
C VAL C 201 12.69 23.35 -2.44
N SER C 202 11.82 24.37 -2.45
CA SER C 202 11.80 25.32 -3.58
C SER C 202 12.05 26.78 -3.18
N TRP C 203 11.09 27.37 -2.45
CA TRP C 203 11.17 28.77 -2.09
C TRP C 203 10.37 29.12 -0.83
N GLY C 204 10.48 30.40 -0.44
CA GLY C 204 9.53 31.01 0.49
C GLY C 204 9.84 32.47 0.81
N ASP C 205 8.98 33.08 1.62
CA ASP C 205 9.26 34.41 2.14
C ASP C 205 10.17 34.31 3.37
N GLN C 206 11.44 34.65 3.20
CA GLN C 206 12.44 34.46 4.25
C GLN C 206 12.42 33.00 4.72
N CYS C 207 12.57 32.73 6.03
CA CYS C 207 12.62 31.35 6.53
C CYS C 207 11.96 31.24 7.91
N GLY C 208 11.08 30.25 8.08
CA GLY C 208 10.58 29.90 9.39
C GLY C 208 9.50 30.82 9.97
N LEU C 209 8.85 31.65 9.15
CA LEU C 209 7.75 32.44 9.64
C LEU C 209 6.52 31.56 9.56
N PRO C 210 5.69 31.51 10.63
CA PRO C 210 4.54 30.62 10.66
C PRO C 210 3.43 30.95 9.67
N ASP C 211 3.34 32.21 9.22
CA ASP C 211 2.34 32.61 8.23
C ASP C 211 2.94 32.62 6.82
N LYS C 212 4.26 32.33 6.71
CA LYS C 212 4.94 32.11 5.43
C LYS C 212 5.67 30.76 5.46
N PRO C 213 4.91 29.65 5.33
CA PRO C 213 5.51 28.30 5.30
C PRO C 213 6.55 28.13 4.18
N GLY C 214 7.42 27.14 4.32
CA GLY C 214 8.28 26.76 3.23
C GLY C 214 7.38 26.23 2.12
N VAL C 215 7.79 26.53 0.89
CA VAL C 215 7.09 26.10 -0.30
C VAL C 215 7.97 25.07 -1.02
N TYR C 216 7.31 24.02 -1.48
CA TYR C 216 8.00 22.86 -2.06
C TYR C 216 7.34 22.50 -3.37
N THR C 217 8.12 21.90 -4.26
CA THR C 217 7.54 21.26 -5.41
C THR C 217 6.88 19.94 -4.99
N ARG C 218 5.64 19.73 -5.46
CA ARG C 218 4.85 18.58 -5.08
C ARG C 218 5.15 17.40 -6.00
N VAL C 219 5.83 16.40 -5.43
CA VAL C 219 6.36 15.34 -6.26
C VAL C 219 5.23 14.57 -6.96
N THR C 220 4.06 14.42 -6.37
CA THR C 220 3.03 13.66 -7.10
C THR C 220 2.68 14.25 -8.47
N ALA C 221 2.72 15.59 -8.57
CA ALA C 221 2.37 16.32 -9.77
C ALA C 221 3.39 16.16 -10.89
N TYR C 222 4.52 15.48 -10.66
CA TYR C 222 5.56 15.38 -11.67
C TYR C 222 5.96 13.92 -11.94
N LEU C 223 5.16 12.95 -11.52
CA LEU C 223 5.54 11.53 -11.62
C LEU C 223 5.63 11.11 -13.08
N ASP C 224 4.67 11.58 -13.90
CA ASP C 224 4.65 11.25 -15.32
C ASP C 224 5.90 11.86 -15.98
N TRP C 225 6.25 13.09 -15.63
CA TRP C 225 7.47 13.69 -16.18
C TRP C 225 8.69 12.89 -15.74
N ILE C 226 8.75 12.47 -14.47
CA ILE C 226 9.91 11.70 -14.00
C ILE C 226 10.01 10.34 -14.72
N ARG C 227 8.90 9.63 -14.85
CA ARG C 227 8.89 8.34 -15.53
C ARG C 227 9.36 8.51 -16.97
N GLN C 228 8.89 9.55 -17.64
CA GLN C 228 9.24 9.82 -19.03
C GLN C 228 10.72 10.06 -19.20
N GLN C 229 11.36 10.72 -18.22
CA GLN C 229 12.77 11.05 -18.37
C GLN C 229 13.67 9.93 -17.84
N THR C 230 13.16 9.03 -16.99
CA THR C 230 14.06 8.14 -16.30
C THR C 230 13.63 6.68 -16.38
N GLY C 231 12.35 6.38 -16.68
CA GLY C 231 11.84 5.02 -16.62
C GLY C 231 11.33 4.59 -15.24
N ILE C 232 11.76 5.29 -14.16
CA ILE C 232 11.31 5.03 -12.79
C ILE C 232 9.81 5.39 -12.66
N ASN D 3 18.30 -1.07 -2.41
CA ASN D 3 17.69 -2.15 -1.57
C ASN D 3 16.17 -2.16 -1.73
N GLU D 4 15.66 -2.01 -2.99
CA GLU D 4 14.30 -1.55 -3.31
C GLU D 4 14.27 0.00 -3.25
N CYS D 5 13.58 0.62 -2.30
CA CYS D 5 13.73 2.06 -2.08
C CYS D 5 13.17 2.41 -0.72
N GLY D 6 13.69 3.47 -0.11
CA GLY D 6 13.04 4.08 1.03
C GLY D 6 13.45 3.54 2.39
N ALA D 7 14.39 2.59 2.49
CA ALA D 7 14.71 1.94 3.74
C ALA D 7 15.62 2.83 4.56
N GLY D 8 15.24 2.99 5.84
CA GLY D 8 15.99 3.77 6.80
C GLY D 8 16.73 2.85 7.75
N PRO D 9 17.59 3.42 8.62
CA PRO D 9 18.56 2.65 9.40
C PRO D 9 17.89 1.60 10.29
N ASP D 10 16.73 1.97 10.87
CA ASP D 10 16.01 1.13 11.81
C ASP D 10 15.52 -0.12 11.08
N LEU D 11 15.05 0.03 9.85
CA LEU D 11 14.48 -1.11 9.16
C LEU D 11 15.63 -2.04 8.81
N ILE D 12 16.82 -1.46 8.56
CA ILE D 12 17.96 -2.25 8.14
C ILE D 12 18.52 -3.08 9.30
N THR D 13 18.70 -2.50 10.50
CA THR D 13 19.16 -3.29 11.64
C THR D 13 18.11 -4.30 12.09
N LEU D 14 16.81 -3.97 12.04
CA LEU D 14 15.77 -4.98 12.28
C LEU D 14 15.99 -6.17 11.36
N SER D 15 16.26 -5.91 10.09
CA SER D 15 16.31 -7.00 9.11
C SER D 15 17.53 -7.90 9.35
N GLU D 16 18.59 -7.37 10.01
CA GLU D 16 19.79 -8.12 10.30
C GLU D 16 19.63 -9.01 11.55
N GLN D 17 18.82 -8.56 12.52
CA GLN D 17 18.62 -9.27 13.78
C GLN D 17 18.05 -10.66 13.50
N ARG D 18 18.56 -11.71 14.16
CA ARG D 18 18.06 -13.05 13.90
C ARG D 18 16.93 -13.40 14.88
C1 EDO E . 2.26 14.93 -14.35
O1 EDO E . 3.66 14.73 -14.28
C2 EDO E . 1.43 14.10 -13.43
O2 EDO E . 2.12 12.95 -12.99
C1 EDO F . 24.90 2.80 9.37
O1 EDO F . 25.47 4.08 9.27
C2 EDO F . 25.93 1.77 9.71
O2 EDO F . 27.13 2.35 10.20
#